data_2FDK
#
_entry.id   2FDK
#
_cell.length_a   40.576
_cell.length_b   40.576
_cell.length_c   117.049
_cell.angle_alpha   90.00
_cell.angle_beta   90.00
_cell.angle_gamma   90.00
#
_symmetry.space_group_name_H-M   'P 43'
#
loop_
_entity.id
_entity.type
_entity.pdbx_description
1 polymer "5'-D(P*TP*(MA7)P*T)-3'"
2 polymer 'Alkylated DNA repair protein alkB'
3 non-polymer 'FE (II) ION'
4 non-polymer '2-OXOGLUTARIC ACID'
5 non-polymer 'SUCCINIC ACID'
6 water water
#
loop_
_entity_poly.entity_id
_entity_poly.type
_entity_poly.pdbx_seq_one_letter_code
_entity_poly.pdbx_strand_id
1 'polydeoxyribonucleotide' (DT)(MA7)(DT) B
2 'polypeptide(L)'
;MQEPLAAGAVILRRFAFNAAEQLIRDINDVASQSPFRQMVTPGGYTMSVAMTNCGHLGWTTHRQGYLYSPIDPQTNKPWP
AMPQSFHNLCQRAATAAGYPDFQPDACLINRYAPGAKLSLHQDKDEPDLRAPIVSVSLGLPAIFQFGGLKRNDPLKRLLL
EHGDVVVWGGESRLFYHGIQPLKAGFHPLTIDCRYNLTFRQAGKKENLYFQ
;
A
#
loop_
_chem_comp.id
_chem_comp.type
_chem_comp.name
_chem_comp.formula
AKG non-polymer '2-OXOGLUTARIC ACID' 'C5 H6 O5'
DT DNA linking THYMIDINE-5'-MONOPHOSPHATE 'C10 H15 N2 O8 P'
FE2 non-polymer 'FE (II) ION' 'Fe 2'
MA7 DNA linking 1N-METHYLADENOSINE-5'-MONOPHOSPHATE 'C11 H17 N5 O6 P 1'
SIN non-polymer 'SUCCINIC ACID' 'C4 H6 O4'
#
# COMPACT_ATOMS: atom_id res chain seq x y z
C2 MA7 A 2 -6.21 -4.52 -0.61
C4 MA7 A 2 -7.43 -6.20 -1.34
C5 MA7 A 2 -8.51 -5.38 -1.60
C6 MA7 A 2 -8.35 -4.01 -1.32
C8 MA7 A 2 -9.13 -7.33 -2.15
P MA7 A 2 -10.63 -10.86 -4.05
OP1 MA7 A 2 -11.70 -10.10 -3.36
OP2 MA7 A 2 -10.74 -11.07 -5.52
O5' MA7 A 2 -9.25 -10.14 -3.74
N9 MA7 A 2 -7.83 -7.46 -1.73
N3 MA7 A 2 -6.24 -5.84 -0.85
N1 MA7 A 2 -7.17 -3.60 -0.80
N6 MA7 A 2 -9.30 -3.09 -1.55
N7 MA7 A 2 -9.59 -6.10 -2.10
CN MA7 A 2 -6.95 -2.16 -0.45
C2' MA7 A 2 -7.73 -9.90 -1.14
C5' MA7 A 2 -8.02 -10.64 -4.29
C4' MA7 A 2 -6.89 -10.42 -3.31
O4' MA7 A 2 -6.73 -9.00 -3.07
C1' MA7 A 2 -7.03 -8.68 -1.71
C3' MA7 A 2 -7.12 -11.05 -1.93
O3' MA7 A 2 -5.86 -11.41 -1.35
N ALA B 6 -0.38 3.45 -18.30
CA ALA B 6 -1.28 3.74 -17.14
C ALA B 6 -1.78 5.18 -17.16
N ALA B 7 -2.94 5.40 -17.76
CA ALA B 7 -3.51 6.74 -17.85
C ALA B 7 -3.80 7.32 -16.47
N GLY B 8 -3.26 8.52 -16.22
CA GLY B 8 -3.46 9.16 -14.93
C GLY B 8 -2.38 8.83 -13.92
N ALA B 9 -1.73 7.69 -14.10
CA ALA B 9 -0.67 7.27 -13.18
C ALA B 9 0.62 8.06 -13.36
N VAL B 10 1.29 8.31 -12.25
CA VAL B 10 2.56 9.04 -12.27
C VAL B 10 3.56 8.17 -11.50
N ILE B 11 4.54 7.63 -12.20
CA ILE B 11 5.55 6.78 -11.59
C ILE B 11 6.83 7.54 -11.25
N LEU B 12 7.16 7.59 -9.96
CA LEU B 12 8.35 8.29 -9.48
C LEU B 12 9.33 7.30 -8.88
N ARG B 13 10.14 6.68 -9.73
CA ARG B 13 11.10 5.68 -9.28
C ARG B 13 12.21 6.26 -8.39
N ARG B 14 12.50 5.56 -7.30
CA ARG B 14 13.53 5.97 -6.36
C ARG B 14 13.20 7.26 -5.62
N PHE B 15 12.01 7.79 -5.86
CA PHE B 15 11.60 9.02 -5.21
C PHE B 15 11.79 8.98 -3.70
N ALA B 16 11.55 7.82 -3.08
CA ALA B 16 11.67 7.71 -1.62
C ALA B 16 12.97 7.10 -1.13
N PHE B 17 13.97 7.05 -1.99
CA PHE B 17 15.26 6.47 -1.63
C PHE B 17 15.86 7.13 -0.38
N ASN B 18 15.90 8.46 -0.35
CA ASN B 18 16.45 9.18 0.79
C ASN B 18 15.67 8.99 2.08
N ALA B 19 14.35 8.91 1.99
CA ALA B 19 13.54 8.74 3.19
C ALA B 19 13.44 7.27 3.63
N ALA B 20 13.73 6.36 2.71
CA ALA B 20 13.65 4.92 2.96
C ALA B 20 13.99 4.43 4.37
N GLU B 21 15.22 4.69 4.83
CA GLU B 21 15.64 4.23 6.15
C GLU B 21 14.72 4.68 7.28
N GLN B 22 14.36 5.96 7.29
CA GLN B 22 13.50 6.48 8.33
C GLN B 22 12.11 5.86 8.27
N LEU B 23 11.60 5.67 7.05
CA LEU B 23 10.29 5.07 6.86
C LEU B 23 10.28 3.65 7.42
N ILE B 24 11.35 2.90 7.19
CA ILE B 24 11.43 1.54 7.69
C ILE B 24 11.45 1.55 9.22
N ARG B 25 12.11 2.54 9.80
CA ARG B 25 12.16 2.63 11.26
C ARG B 25 10.76 2.92 11.79
N ASP B 26 10.03 3.78 11.09
CA ASP B 26 8.70 4.14 11.51
C ASP B 26 7.68 3.03 11.27
N ILE B 27 7.94 2.16 10.30
CA ILE B 27 7.05 1.04 10.03
C ILE B 27 7.15 0.13 11.26
N ASN B 28 8.37 -0.11 11.71
CA ASN B 28 8.57 -0.96 12.88
C ASN B 28 7.88 -0.34 14.07
N ASP B 29 7.92 0.99 14.14
CA ASP B 29 7.29 1.72 15.23
C ASP B 29 5.79 1.44 15.23
N VAL B 30 5.18 1.61 14.06
CA VAL B 30 3.76 1.36 13.89
C VAL B 30 3.44 -0.09 14.25
N ALA B 31 4.25 -1.00 13.73
CA ALA B 31 4.06 -2.42 13.99
C ALA B 31 4.10 -2.76 15.48
N SER B 32 4.80 -1.93 16.26
CA SER B 32 4.90 -2.18 17.70
C SER B 32 3.55 -2.04 18.37
N GLN B 33 2.71 -1.14 17.85
CA GLN B 33 1.38 -0.94 18.40
C GLN B 33 0.36 -1.82 17.68
N SER B 34 0.42 -1.82 16.36
CA SER B 34 -0.45 -2.65 15.52
C SER B 34 0.46 -3.56 14.72
N PRO B 35 0.69 -4.78 15.24
CA PRO B 35 1.54 -5.78 14.60
C PRO B 35 1.05 -6.17 13.22
N PHE B 36 1.97 -6.64 12.38
CA PHE B 36 1.61 -7.11 11.06
C PHE B 36 0.82 -8.39 11.30
N ARG B 37 -0.27 -8.57 10.56
CA ARG B 37 -1.06 -9.79 10.70
C ARG B 37 -1.60 -10.17 9.32
N GLN B 38 -1.69 -11.47 9.05
CA GLN B 38 -2.22 -11.93 7.78
C GLN B 38 -3.72 -12.01 7.94
N MET B 39 -4.41 -10.99 7.43
CA MET B 39 -5.86 -10.92 7.54
C MET B 39 -6.59 -12.07 6.85
N VAL B 40 -7.72 -12.44 7.42
CA VAL B 40 -8.55 -13.50 6.88
C VAL B 40 -9.66 -12.86 6.05
N THR B 41 -9.68 -13.20 4.77
CA THR B 41 -10.67 -12.68 3.84
C THR B 41 -12.06 -13.10 4.29
N PRO B 42 -13.10 -12.41 3.80
CA PRO B 42 -14.49 -12.73 4.15
C PRO B 42 -14.81 -14.19 3.82
N GLY B 43 -14.15 -14.70 2.79
CA GLY B 43 -14.36 -16.08 2.37
C GLY B 43 -13.69 -17.07 3.29
N GLY B 44 -12.99 -16.57 4.30
CA GLY B 44 -12.31 -17.44 5.24
C GLY B 44 -10.92 -17.90 4.87
N TYR B 45 -10.18 -17.07 4.13
CA TYR B 45 -8.82 -17.44 3.74
C TYR B 45 -7.79 -16.44 4.23
N THR B 46 -6.65 -16.97 4.67
CA THR B 46 -5.56 -16.14 5.17
C THR B 46 -4.71 -15.66 4.01
N MET B 47 -4.59 -14.34 3.91
CA MET B 47 -3.79 -13.73 2.87
C MET B 47 -2.31 -14.03 3.10
N SER B 48 -1.55 -14.16 2.02
CA SER B 48 -0.12 -14.44 2.13
C SER B 48 0.61 -13.14 2.48
N VAL B 49 0.00 -12.00 2.12
CA VAL B 49 0.59 -10.70 2.42
C VAL B 49 0.22 -10.36 3.87
N ALA B 50 1.19 -9.88 4.63
CA ALA B 50 0.94 -9.49 6.02
C ALA B 50 0.67 -7.98 5.96
N MET B 51 -0.27 -7.49 6.75
CA MET B 51 -0.60 -6.07 6.72
C MET B 51 -0.79 -5.43 8.10
N THR B 52 -0.87 -4.11 8.08
CA THR B 52 -1.12 -3.28 9.26
C THR B 52 -1.49 -1.89 8.71
N ASN B 53 -1.87 -0.97 9.59
CA ASN B 53 -2.25 0.38 9.17
C ASN B 53 -1.80 1.41 10.18
N CYS B 54 -1.71 2.66 9.73
CA CYS B 54 -1.42 3.78 10.61
C CYS B 54 -2.30 4.88 10.05
N GLY B 55 -2.56 5.92 10.85
CA GLY B 55 -3.41 7.00 10.39
C GLY B 55 -4.75 6.92 11.09
N HIS B 56 -5.69 7.80 10.73
CA HIS B 56 -7.00 7.80 11.37
C HIS B 56 -7.80 6.54 11.05
N LEU B 57 -7.79 6.15 9.78
CA LEU B 57 -8.50 4.96 9.34
C LEU B 57 -7.55 3.87 8.86
N GLY B 58 -7.98 2.62 8.96
CA GLY B 58 -7.17 1.51 8.53
C GLY B 58 -7.98 0.52 7.71
N TRP B 59 -7.47 0.12 6.55
CA TRP B 59 -8.15 -0.84 5.69
C TRP B 59 -8.07 -2.20 6.34
N THR B 60 -9.18 -2.94 6.34
CA THR B 60 -9.18 -4.27 6.94
C THR B 60 -10.29 -5.16 6.40
N THR B 61 -10.16 -6.46 6.62
CA THR B 61 -11.16 -7.42 6.17
C THR B 61 -12.26 -7.55 7.22
N HIS B 62 -13.51 -7.57 6.77
CA HIS B 62 -14.65 -7.68 7.68
C HIS B 62 -15.50 -8.88 7.25
N ARG B 63 -16.56 -9.14 8.00
CA ARG B 63 -17.44 -10.28 7.69
C ARG B 63 -18.28 -10.01 6.45
N GLN B 64 -18.68 -8.76 6.27
CA GLN B 64 -19.49 -8.38 5.11
C GLN B 64 -18.64 -7.88 3.97
N GLY B 65 -17.33 -8.11 4.07
CA GLY B 65 -16.42 -7.67 3.03
C GLY B 65 -15.25 -6.86 3.56
N TYR B 66 -14.76 -5.94 2.74
CA TYR B 66 -13.64 -5.11 3.14
C TYR B 66 -14.16 -3.73 3.52
N LEU B 67 -13.44 -3.04 4.39
CA LEU B 67 -13.84 -1.70 4.82
C LEU B 67 -12.78 -1.01 5.65
N TYR B 68 -12.94 0.29 5.82
CA TYR B 68 -12.01 1.06 6.61
C TYR B 68 -12.59 1.19 8.01
N SER B 69 -11.72 1.07 9.01
CA SER B 69 -12.14 1.19 10.41
C SER B 69 -11.09 2.00 11.17
N PRO B 70 -11.52 2.80 12.15
CA PRO B 70 -10.60 3.60 12.94
C PRO B 70 -9.99 2.78 14.07
N ILE B 71 -10.45 1.53 14.17
CA ILE B 71 -9.95 0.63 15.21
C ILE B 71 -9.33 -0.64 14.62
N ASP B 72 -8.22 -1.06 15.19
CA ASP B 72 -7.53 -2.27 14.78
C ASP B 72 -8.33 -3.44 15.38
N PRO B 73 -8.98 -4.24 14.52
CA PRO B 73 -9.79 -5.39 14.97
C PRO B 73 -9.01 -6.44 15.76
N GLN B 74 -7.69 -6.43 15.63
CA GLN B 74 -6.86 -7.39 16.35
C GLN B 74 -6.45 -6.91 17.74
N THR B 75 -6.10 -5.63 17.87
CA THR B 75 -5.70 -5.09 19.16
C THR B 75 -6.88 -4.43 19.86
N ASN B 76 -7.91 -4.12 19.08
CA ASN B 76 -9.11 -3.46 19.57
C ASN B 76 -8.78 -2.03 20.02
N LYS B 77 -7.63 -1.57 19.57
CA LYS B 77 -7.15 -0.23 19.86
C LYS B 77 -7.07 0.53 18.53
N PRO B 78 -6.99 1.86 18.61
CA PRO B 78 -6.91 2.67 17.38
C PRO B 78 -5.64 2.31 16.62
N TRP B 79 -5.64 2.51 15.31
CA TRP B 79 -4.44 2.23 14.55
C TRP B 79 -3.44 3.30 14.98
N PRO B 80 -2.13 3.02 14.85
CA PRO B 80 -1.15 4.02 15.24
C PRO B 80 -1.30 5.28 14.38
N ALA B 81 -0.88 6.43 14.89
CA ALA B 81 -1.01 7.65 14.12
C ALA B 81 -0.05 7.59 12.93
N MET B 82 -0.34 8.35 11.90
CA MET B 82 0.54 8.34 10.73
C MET B 82 1.77 9.17 11.06
N PRO B 83 2.95 8.54 11.02
CA PRO B 83 4.18 9.26 11.33
C PRO B 83 4.49 10.39 10.36
N GLN B 84 5.19 11.41 10.86
CA GLN B 84 5.56 12.58 10.08
C GLN B 84 6.29 12.16 8.80
N SER B 85 7.25 11.24 8.94
CA SER B 85 8.02 10.76 7.79
C SER B 85 7.04 10.35 6.68
N PHE B 86 5.95 9.68 7.08
CA PHE B 86 4.94 9.23 6.15
C PHE B 86 4.22 10.42 5.52
N HIS B 87 3.71 11.32 6.38
CA HIS B 87 3.01 12.50 5.92
C HIS B 87 3.84 13.31 4.93
N ASN B 88 5.10 13.58 5.28
CA ASN B 88 5.97 14.37 4.42
C ASN B 88 6.24 13.74 3.05
N LEU B 89 6.70 12.50 3.04
CA LEU B 89 6.99 11.80 1.80
C LEU B 89 5.78 11.73 0.87
N CYS B 90 4.61 11.49 1.46
CA CYS B 90 3.37 11.39 0.69
C CYS B 90 3.00 12.72 0.06
N GLN B 91 3.03 13.77 0.87
CA GLN B 91 2.69 15.09 0.37
C GLN B 91 3.64 15.52 -0.76
N ARG B 92 4.94 15.31 -0.54
CA ARG B 92 5.92 15.68 -1.57
C ARG B 92 5.66 14.90 -2.85
N ALA B 93 5.31 13.62 -2.69
CA ALA B 93 5.03 12.77 -3.84
C ALA B 93 3.79 13.24 -4.58
N ALA B 94 2.68 13.35 -3.86
CA ALA B 94 1.41 13.78 -4.45
C ALA B 94 1.54 15.13 -5.14
N THR B 95 2.17 16.07 -4.45
CA THR B 95 2.40 17.41 -4.98
C THR B 95 3.16 17.29 -6.30
N ALA B 96 4.21 16.46 -6.30
CA ALA B 96 5.00 16.27 -7.50
C ALA B 96 4.20 15.60 -8.61
N ALA B 97 3.18 14.84 -8.23
CA ALA B 97 2.33 14.14 -9.18
C ALA B 97 1.21 15.02 -9.70
N GLY B 98 1.03 16.17 -9.08
CA GLY B 98 -0.02 17.07 -9.50
C GLY B 98 -1.17 17.13 -8.52
N TYR B 99 -1.01 16.49 -7.36
CA TYR B 99 -2.08 16.52 -6.36
C TYR B 99 -1.56 17.13 -5.05
N PRO B 100 -1.39 18.45 -5.04
CA PRO B 100 -0.90 19.16 -3.86
C PRO B 100 -1.93 19.26 -2.74
N ASP B 101 -3.19 18.94 -3.06
CA ASP B 101 -4.27 19.02 -2.09
C ASP B 101 -4.58 17.68 -1.41
N PHE B 102 -4.03 16.59 -1.93
CA PHE B 102 -4.27 15.27 -1.36
C PHE B 102 -3.90 15.21 0.12
N GLN B 103 -4.88 14.84 0.94
CA GLN B 103 -4.68 14.73 2.38
C GLN B 103 -5.16 13.35 2.82
N PRO B 104 -4.25 12.35 2.80
CA PRO B 104 -4.60 10.98 3.20
C PRO B 104 -4.89 10.84 4.70
N ASP B 105 -5.78 9.93 5.04
CA ASP B 105 -6.13 9.68 6.43
C ASP B 105 -5.95 8.20 6.74
N ALA B 106 -5.30 7.49 5.82
CA ALA B 106 -5.05 6.07 6.01
C ALA B 106 -3.87 5.62 5.18
N CYS B 107 -3.04 4.78 5.78
CA CYS B 107 -1.88 4.24 5.09
C CYS B 107 -1.86 2.73 5.34
N LEU B 108 -2.12 1.96 4.29
CA LEU B 108 -2.10 0.51 4.42
C LEU B 108 -0.66 0.08 4.21
N ILE B 109 -0.11 -0.62 5.18
CA ILE B 109 1.25 -1.10 5.08
C ILE B 109 1.27 -2.60 4.79
N ASN B 110 1.81 -2.98 3.64
CA ASN B 110 1.88 -4.38 3.26
C ASN B 110 3.30 -4.91 3.42
N ARG B 111 3.43 -6.14 3.92
CA ARG B 111 4.74 -6.76 4.07
C ARG B 111 4.71 -8.04 3.26
N TYR B 112 5.70 -8.21 2.40
CA TYR B 112 5.77 -9.39 1.56
C TYR B 112 6.99 -10.26 1.87
N ALA B 113 6.75 -11.48 2.30
CA ALA B 113 7.84 -12.42 2.56
C ALA B 113 8.04 -13.11 1.22
N PRO B 114 9.16 -13.82 1.06
CA PRO B 114 9.39 -14.50 -0.21
C PRO B 114 8.23 -15.42 -0.59
N GLY B 115 7.74 -15.28 -1.82
CA GLY B 115 6.63 -16.09 -2.27
C GLY B 115 5.30 -15.37 -2.10
N ALA B 116 5.25 -14.42 -1.17
CA ALA B 116 4.02 -13.69 -0.94
C ALA B 116 3.57 -13.05 -2.25
N LYS B 117 2.25 -12.89 -2.37
CA LYS B 117 1.64 -12.34 -3.57
C LYS B 117 0.32 -11.71 -3.17
N LEU B 118 -0.32 -11.04 -4.12
CA LEU B 118 -1.60 -10.37 -3.89
C LEU B 118 -2.35 -10.43 -5.22
N SER B 119 -3.27 -11.39 -5.33
CA SER B 119 -4.04 -11.55 -6.55
C SER B 119 -4.81 -10.29 -6.92
N LEU B 120 -5.17 -10.18 -8.20
CA LEU B 120 -5.90 -9.02 -8.72
C LEU B 120 -7.09 -8.57 -7.90
N HIS B 121 -7.27 -7.26 -7.83
CA HIS B 121 -8.37 -6.66 -7.08
C HIS B 121 -8.52 -5.21 -7.48
N GLN B 122 -9.53 -4.56 -6.91
CA GLN B 122 -9.78 -3.14 -7.18
C GLN B 122 -9.94 -2.40 -5.86
N ASP B 123 -9.55 -1.12 -5.87
CA ASP B 123 -9.68 -0.29 -4.69
C ASP B 123 -10.83 0.68 -4.88
N LYS B 124 -12.02 0.22 -4.51
CA LYS B 124 -13.25 1.00 -4.63
C LYS B 124 -13.95 1.02 -3.28
N ASP B 125 -13.16 1.14 -2.21
CA ASP B 125 -13.68 1.17 -0.86
C ASP B 125 -13.58 2.60 -0.34
N GLU B 126 -13.13 3.51 -1.19
CA GLU B 126 -12.98 4.92 -0.81
C GLU B 126 -14.20 5.74 -1.21
N PRO B 127 -14.52 6.77 -0.42
CA PRO B 127 -15.69 7.64 -0.69
C PRO B 127 -15.59 8.37 -2.03
N ASP B 128 -14.47 9.04 -2.29
CA ASP B 128 -14.27 9.77 -3.52
C ASP B 128 -13.15 9.15 -4.35
N LEU B 129 -13.52 8.51 -5.46
CA LEU B 129 -12.53 7.87 -6.33
C LEU B 129 -11.70 8.85 -7.15
N ARG B 130 -11.98 10.14 -7.03
CA ARG B 130 -11.22 11.14 -7.76
C ARG B 130 -9.92 11.38 -7.02
N ALA B 131 -9.89 11.00 -5.75
CA ALA B 131 -8.69 11.16 -4.93
C ALA B 131 -7.73 10.04 -5.31
N PRO B 132 -6.43 10.37 -5.46
CA PRO B 132 -5.45 9.35 -5.82
C PRO B 132 -4.96 8.52 -4.64
N ILE B 133 -4.10 7.55 -4.96
CA ILE B 133 -3.49 6.69 -3.97
C ILE B 133 -1.99 6.73 -4.21
N VAL B 134 -1.23 6.91 -3.14
CA VAL B 134 0.22 6.98 -3.23
C VAL B 134 0.83 5.69 -2.71
N SER B 135 1.61 5.04 -3.57
CA SER B 135 2.25 3.78 -3.26
C SER B 135 3.77 3.95 -3.15
N VAL B 136 4.32 3.45 -2.05
CA VAL B 136 5.75 3.51 -1.80
C VAL B 136 6.30 2.11 -1.55
N SER B 137 7.18 1.67 -2.44
CA SER B 137 7.79 0.36 -2.32
C SER B 137 9.13 0.46 -1.60
N LEU B 138 9.41 -0.53 -0.75
CA LEU B 138 10.64 -0.57 0.02
C LEU B 138 11.14 -2.00 0.10
N GLY B 139 12.46 -2.17 0.05
CA GLY B 139 13.05 -3.50 0.12
C GLY B 139 13.14 -4.20 -1.21
N LEU B 140 12.91 -5.51 -1.20
CA LEU B 140 12.99 -6.32 -2.41
C LEU B 140 12.05 -5.88 -3.53
N PRO B 141 12.44 -6.11 -4.78
CA PRO B 141 11.65 -5.73 -5.95
C PRO B 141 10.47 -6.68 -6.18
N ALA B 142 9.38 -6.14 -6.72
CA ALA B 142 8.20 -6.94 -7.00
C ALA B 142 7.62 -6.56 -8.35
N ILE B 143 6.90 -7.50 -8.93
CA ILE B 143 6.27 -7.29 -10.22
C ILE B 143 4.81 -6.90 -10.00
N PHE B 144 4.51 -5.65 -10.31
CA PHE B 144 3.17 -5.11 -10.17
C PHE B 144 2.45 -5.32 -11.50
N GLN B 145 1.24 -5.84 -11.44
CA GLN B 145 0.49 -6.06 -12.66
C GLN B 145 -0.87 -5.40 -12.55
N PHE B 146 -1.24 -4.67 -13.59
CA PHE B 146 -2.53 -3.98 -13.61
C PHE B 146 -3.22 -4.22 -14.93
N GLY B 147 -4.56 -4.25 -14.90
CA GLY B 147 -5.33 -4.49 -16.11
C GLY B 147 -6.29 -3.37 -16.46
N GLY B 148 -7.48 -3.74 -16.93
CA GLY B 148 -8.46 -2.75 -17.31
C GLY B 148 -9.56 -2.56 -16.28
N LEU B 149 -10.79 -2.89 -16.65
CA LEU B 149 -11.92 -2.76 -15.75
C LEU B 149 -12.50 -4.12 -15.37
N LYS B 150 -12.03 -5.18 -16.04
CA LYS B 150 -12.51 -6.52 -15.77
C LYS B 150 -11.37 -7.38 -15.22
N ARG B 151 -11.70 -8.38 -14.41
CA ARG B 151 -10.69 -9.27 -13.84
C ARG B 151 -9.88 -9.91 -14.97
N ASN B 152 -10.55 -10.19 -16.08
CA ASN B 152 -9.91 -10.80 -17.24
C ASN B 152 -9.66 -9.76 -18.33
N ASP B 153 -8.61 -8.97 -18.16
CA ASP B 153 -8.25 -7.94 -19.13
C ASP B 153 -6.74 -7.92 -19.36
N PRO B 154 -6.29 -7.32 -20.49
CA PRO B 154 -4.88 -7.24 -20.83
C PRO B 154 -4.03 -6.67 -19.69
N LEU B 155 -3.44 -7.56 -18.90
CA LEU B 155 -2.61 -7.14 -17.77
C LEU B 155 -1.20 -6.74 -18.20
N LYS B 156 -0.73 -5.62 -17.65
CA LYS B 156 0.61 -5.13 -17.96
C LYS B 156 1.48 -5.32 -16.72
N ARG B 157 2.78 -5.44 -16.91
CA ARG B 157 3.69 -5.63 -15.80
C ARG B 157 4.63 -4.43 -15.58
N LEU B 158 4.91 -4.14 -14.32
CA LEU B 158 5.80 -3.05 -13.92
C LEU B 158 6.59 -3.45 -12.69
N LEU B 159 7.91 -3.41 -12.77
CA LEU B 159 8.72 -3.78 -11.61
C LEU B 159 8.81 -2.56 -10.68
N LEU B 160 8.53 -2.78 -9.40
CA LEU B 160 8.61 -1.75 -8.39
C LEU B 160 9.79 -2.10 -7.50
N GLU B 161 10.78 -1.22 -7.48
CA GLU B 161 11.98 -1.44 -6.69
C GLU B 161 12.01 -0.53 -5.47
N HIS B 162 13.02 -0.72 -4.63
CA HIS B 162 13.20 0.04 -3.41
C HIS B 162 13.15 1.56 -3.62
N GLY B 163 12.24 2.22 -2.91
CA GLY B 163 12.10 3.66 -3.04
C GLY B 163 11.14 4.12 -4.10
N ASP B 164 10.62 3.17 -4.89
CA ASP B 164 9.70 3.54 -5.96
C ASP B 164 8.35 3.98 -5.45
N VAL B 165 7.88 5.08 -6.03
CA VAL B 165 6.61 5.66 -5.66
C VAL B 165 5.71 5.83 -6.88
N VAL B 166 4.47 5.39 -6.74
CA VAL B 166 3.52 5.54 -7.82
C VAL B 166 2.24 6.20 -7.31
N VAL B 167 1.91 7.34 -7.91
CA VAL B 167 0.70 8.06 -7.55
C VAL B 167 -0.35 7.58 -8.54
N TRP B 168 -1.34 6.83 -8.05
CA TRP B 168 -2.38 6.32 -8.93
C TRP B 168 -3.57 7.27 -8.97
N GLY B 169 -3.69 8.01 -10.05
CA GLY B 169 -4.78 8.94 -10.21
C GLY B 169 -5.51 8.68 -11.50
N GLY B 170 -6.48 9.52 -11.82
CA GLY B 170 -7.22 9.37 -13.06
C GLY B 170 -7.89 8.02 -13.24
N GLU B 171 -7.83 7.50 -14.47
CA GLU B 171 -8.45 6.23 -14.82
C GLU B 171 -7.84 5.05 -14.07
N SER B 172 -6.51 4.99 -14.07
CA SER B 172 -5.79 3.91 -13.41
C SER B 172 -6.35 3.60 -12.02
N ARG B 173 -6.90 4.63 -11.38
CA ARG B 173 -7.47 4.50 -10.04
C ARG B 173 -8.52 3.38 -9.97
N LEU B 174 -9.09 3.02 -11.10
CA LEU B 174 -10.11 1.98 -11.13
C LEU B 174 -9.64 0.68 -11.75
N PHE B 175 -8.38 0.64 -12.19
CA PHE B 175 -7.83 -0.55 -12.82
C PHE B 175 -7.58 -1.71 -11.85
N TYR B 176 -7.77 -2.93 -12.34
CA TYR B 176 -7.53 -4.10 -11.52
C TYR B 176 -6.01 -4.18 -11.36
N HIS B 177 -5.54 -4.65 -10.22
CA HIS B 177 -4.10 -4.73 -10.00
C HIS B 177 -3.71 -5.76 -8.96
N GLY B 178 -2.43 -6.13 -8.99
CA GLY B 178 -1.93 -7.12 -8.04
C GLY B 178 -0.42 -7.26 -8.07
N ILE B 179 0.09 -8.11 -7.19
CA ILE B 179 1.51 -8.36 -7.09
C ILE B 179 1.80 -9.84 -7.24
N GLN B 180 2.70 -10.16 -8.17
CA GLN B 180 3.09 -11.55 -8.43
C GLN B 180 3.97 -12.01 -7.28
N PRO B 181 4.04 -13.32 -7.03
CA PRO B 181 4.86 -13.88 -5.94
C PRO B 181 6.24 -13.22 -5.85
N LEU B 182 6.54 -12.65 -4.69
CA LEU B 182 7.83 -12.00 -4.47
C LEU B 182 8.97 -12.98 -4.62
N LYS B 183 9.87 -12.71 -5.56
CA LYS B 183 11.01 -13.58 -5.77
C LYS B 183 11.95 -13.43 -4.59
N ALA B 184 12.63 -14.52 -4.24
CA ALA B 184 13.58 -14.52 -3.13
C ALA B 184 14.73 -13.59 -3.46
N GLY B 185 15.30 -12.99 -2.42
CA GLY B 185 16.41 -12.07 -2.63
C GLY B 185 16.82 -11.47 -1.31
N PHE B 186 17.64 -10.42 -1.37
CA PHE B 186 18.10 -9.77 -0.16
C PHE B 186 18.28 -8.27 -0.33
N HIS B 187 17.93 -7.52 0.71
CA HIS B 187 18.10 -6.08 0.70
C HIS B 187 18.63 -5.71 2.09
N PRO B 188 19.69 -4.90 2.15
CA PRO B 188 20.33 -4.46 3.40
C PRO B 188 19.42 -3.85 4.46
N LEU B 189 18.35 -3.19 4.05
CA LEU B 189 17.46 -2.55 5.00
C LEU B 189 16.26 -3.38 5.42
N THR B 190 15.81 -4.28 4.55
CA THR B 190 14.64 -5.10 4.85
C THR B 190 14.94 -6.59 4.93
N ILE B 191 16.20 -6.93 4.67
CA ILE B 191 16.65 -8.31 4.67
C ILE B 191 16.00 -9.07 3.51
N ASP B 192 15.00 -9.89 3.79
CA ASP B 192 14.33 -10.63 2.73
C ASP B 192 12.84 -10.29 2.63
N CYS B 193 12.48 -9.07 3.02
CA CYS B 193 11.09 -8.64 2.97
C CYS B 193 10.92 -7.42 2.08
N ARG B 194 9.69 -7.20 1.65
CA ARG B 194 9.37 -6.03 0.86
C ARG B 194 8.20 -5.35 1.56
N TYR B 195 8.28 -4.05 1.76
CA TYR B 195 7.18 -3.34 2.38
C TYR B 195 6.60 -2.39 1.33
N ASN B 196 5.33 -2.04 1.50
CA ASN B 196 4.68 -1.12 0.59
C ASN B 196 3.66 -0.27 1.32
N LEU B 197 3.74 1.04 1.12
CA LEU B 197 2.79 1.92 1.77
C LEU B 197 1.79 2.44 0.75
N THR B 198 0.50 2.36 1.05
CA THR B 198 -0.51 2.91 0.17
C THR B 198 -1.35 3.92 0.96
N PHE B 199 -1.14 5.19 0.67
CA PHE B 199 -1.85 6.30 1.32
C PHE B 199 -3.16 6.57 0.57
N ARG B 200 -4.26 6.67 1.33
CA ARG B 200 -5.56 6.91 0.76
C ARG B 200 -6.39 7.90 1.56
N GLN B 201 -7.40 8.46 0.91
CA GLN B 201 -8.34 9.37 1.55
C GLN B 201 -9.58 8.50 1.74
N ALA B 202 -9.65 7.84 2.90
CA ALA B 202 -10.77 6.96 3.20
C ALA B 202 -11.91 7.67 3.89
N GLY B 203 -11.60 8.76 4.59
CA GLY B 203 -12.63 9.50 5.28
C GLY B 203 -13.64 10.15 4.36
N LYS B 204 -14.78 10.43 4.82
FE FE2 C . -4.76 -2.46 -4.20
C1 AKG D . -3.08 -2.92 -1.96
O1 AKG D . -2.83 -3.59 -0.96
O2 AKG D . -4.30 -2.42 -2.14
C2 AKG D . -2.05 -2.79 -3.03
O5 AKG D . -2.40 -2.52 -4.17
C3 AKG D . -0.58 -2.89 -2.69
C4 AKG D . 0.18 -3.64 -3.79
C5 AKG D . 1.66 -3.44 -3.65
O3 AKG D . 2.22 -3.76 -2.62
O4 AKG D . 2.33 -2.77 -4.60
C1 SIN E . -1.86 -2.97 -2.97
O1 SIN E . -2.59 -3.03 -3.95
O2 SIN E . -2.28 -3.47 -1.80
C2 SIN E . -0.45 -2.47 -3.09
C3 SIN E . 0.32 -3.31 -4.12
C4 SIN E . 1.79 -3.27 -3.78
O3 SIN E . 2.18 -3.74 -2.74
O4 SIN E . 2.59 -2.42 -4.44
#